data_2EJU
#
_entry.id   2EJU
#
_cell.length_a   74.781
_cell.length_b   109.655
_cell.length_c   96.510
_cell.angle_alpha   90.00
_cell.angle_beta   90.00
_cell.angle_gamma   90.00
#
_symmetry.space_group_name_H-M   'C 2 2 21'
#
loop_
_entity.id
_entity.type
_entity.pdbx_description
1 polymer 'N(2),N(2)-dimethylguanosine tRNA methyltransferase'
2 non-polymer S-ADENOSYL-L-HOMOCYSTEINE
3 non-polymer GLYCEROL
4 water water
#
_entity_poly.entity_id   1
_entity_poly.type   'polypeptide(L)'
_entity_poly.pdbx_seq_one_letter_code
;MELIEVQEGKAKILIPKAESIYDSPVFYNPRMALNRDIVVVLLNILNPKIVLDALSATGIRGIRFALETPAEEVWLNDIS
EDAYELMKRNVMLNFDGELRESKGRAILKGEKTIVINHDDANRLMAERHRYFHFIDLDPFGSPMEFLDTALRSAKRRGIL
GVTATDGAPLCGAHPRACLRKYLAVPLRGELCHEVGTRILVGVIARYAAKYDLGIDVILAYYKDHYFRAFVKLKDGARKG
DETLEKLGYIYFDDKTGKFELEQGFLPTRPNAYGPVWLGPLKDEKIVSKMVKEAESLSLARKKQALKLLKMIDQELDIPL
FYDTHAIGRRLKIETKKVEEIISALREQGYEATRTHFSPTGIKTSAPYEVFIETIKRI
;
_entity_poly.pdbx_strand_id   A
#
loop_
_chem_comp.id
_chem_comp.type
_chem_comp.name
_chem_comp.formula
GOL non-polymer GLYCEROL 'C3 H8 O3'
SAH non-polymer S-ADENOSYL-L-HOMOCYSTEINE 'C14 H20 N6 O5 S'
#
# COMPACT_ATOMS: atom_id res chain seq x y z
N LEU A 3 -25.56 -17.91 -3.29
CA LEU A 3 -25.02 -16.61 -3.79
C LEU A 3 -25.99 -15.46 -3.55
N ILE A 4 -25.44 -14.31 -3.19
CA ILE A 4 -26.24 -13.12 -2.95
C ILE A 4 -25.66 -11.93 -3.70
N GLU A 5 -26.53 -11.01 -4.11
CA GLU A 5 -26.13 -9.82 -4.86
C GLU A 5 -25.64 -8.73 -3.92
N VAL A 6 -24.53 -8.10 -4.30
CA VAL A 6 -23.96 -7.02 -3.53
C VAL A 6 -23.38 -6.01 -4.50
N GLN A 7 -23.46 -4.74 -4.14
CA GLN A 7 -22.96 -3.68 -4.99
C GLN A 7 -21.79 -2.97 -4.31
N GLU A 8 -20.75 -2.67 -5.09
CA GLU A 8 -19.59 -1.95 -4.60
C GLU A 8 -19.15 -1.05 -5.75
N GLY A 9 -19.29 0.26 -5.57
CA GLY A 9 -18.93 1.18 -6.63
C GLY A 9 -19.90 0.93 -7.76
N LYS A 10 -19.41 0.94 -9.00
CA LYS A 10 -20.27 0.69 -10.15
C LYS A 10 -20.46 -0.80 -10.41
N ALA A 11 -19.85 -1.64 -9.60
CA ALA A 11 -19.94 -3.08 -9.81
C ALA A 11 -21.01 -3.78 -8.99
N LYS A 12 -21.68 -4.74 -9.64
CA LYS A 12 -22.72 -5.55 -9.01
C LYS A 12 -22.19 -6.97 -9.11
N ILE A 13 -21.89 -7.59 -7.98
CA ILE A 13 -21.36 -8.94 -7.98
C ILE A 13 -22.14 -9.87 -7.08
N LEU A 14 -21.90 -11.16 -7.28
CA LEU A 14 -22.53 -12.20 -6.49
C LEU A 14 -21.46 -12.73 -5.56
N ILE A 15 -21.79 -12.86 -4.28
CA ILE A 15 -20.82 -13.41 -3.34
C ILE A 15 -21.46 -14.60 -2.65
N PRO A 16 -20.65 -15.61 -2.31
CA PRO A 16 -21.16 -16.81 -1.64
C PRO A 16 -21.76 -16.50 -0.27
N LYS A 17 -22.96 -17.02 -0.03
CA LYS A 17 -23.65 -16.80 1.24
C LYS A 17 -23.22 -17.87 2.26
N ALA A 18 -22.74 -17.43 3.41
CA ALA A 18 -22.31 -18.34 4.45
C ALA A 18 -22.26 -17.64 5.81
N ASP A 23 -14.25 -19.63 5.89
CA ASP A 23 -15.40 -20.56 5.86
C ASP A 23 -16.14 -20.48 4.53
N SER A 24 -15.99 -19.35 3.84
CA SER A 24 -16.64 -19.15 2.55
C SER A 24 -15.81 -19.75 1.41
N PRO A 25 -16.49 -20.25 0.36
CA PRO A 25 -15.78 -20.85 -0.78
C PRO A 25 -14.97 -19.82 -1.59
N VAL A 26 -15.41 -18.56 -1.58
CA VAL A 26 -14.72 -17.49 -2.29
C VAL A 26 -14.72 -16.26 -1.39
N PHE A 27 -13.53 -15.78 -1.04
CA PHE A 27 -13.37 -14.64 -0.15
C PHE A 27 -13.77 -13.26 -0.67
N TYR A 28 -14.46 -12.52 0.19
CA TYR A 28 -14.87 -11.16 -0.10
C TYR A 28 -14.99 -10.39 1.20
N ASN A 29 -14.32 -9.25 1.28
CA ASN A 29 -14.37 -8.42 2.47
C ASN A 29 -14.84 -7.03 2.12
N PRO A 30 -16.07 -6.67 2.55
CA PRO A 30 -16.57 -5.34 2.23
C PRO A 30 -15.75 -4.23 2.88
N ARG A 31 -15.08 -4.55 3.98
CA ARG A 31 -14.25 -3.55 4.66
C ARG A 31 -13.11 -3.12 3.76
N MET A 32 -12.81 -3.92 2.73
CA MET A 32 -11.73 -3.60 1.80
C MET A 32 -12.23 -2.80 0.60
N ALA A 33 -13.48 -2.34 0.66
CA ALA A 33 -14.03 -1.54 -0.43
C ALA A 33 -13.27 -0.22 -0.50
N LEU A 34 -12.83 0.26 0.67
CA LEU A 34 -12.07 1.50 0.77
C LEU A 34 -10.73 1.34 0.05
N ASN A 35 -10.07 0.21 0.27
CA ASN A 35 -8.79 -0.08 -0.37
C ASN A 35 -9.01 -0.03 -1.87
N ARG A 36 -10.06 -0.72 -2.32
CA ARG A 36 -10.40 -0.77 -3.74
C ARG A 36 -10.63 0.65 -4.29
N ASP A 37 -11.37 1.47 -3.54
CA ASP A 37 -11.64 2.84 -3.96
C ASP A 37 -10.34 3.61 -4.21
N ILE A 38 -9.41 3.50 -3.26
CA ILE A 38 -8.14 4.21 -3.35
C ILE A 38 -7.42 3.88 -4.66
N VAL A 39 -7.28 2.59 -4.95
CA VAL A 39 -6.60 2.21 -6.18
C VAL A 39 -7.37 2.72 -7.40
N VAL A 40 -8.69 2.67 -7.34
CA VAL A 40 -9.52 3.16 -8.45
C VAL A 40 -9.22 4.65 -8.69
N VAL A 41 -9.15 5.41 -7.61
CA VAL A 41 -8.87 6.84 -7.70
C VAL A 41 -7.50 7.07 -8.32
N LEU A 42 -6.51 6.32 -7.86
CA LEU A 42 -5.16 6.45 -8.36
C LEU A 42 -5.06 6.15 -9.85
N LEU A 43 -5.71 5.07 -10.28
CA LEU A 43 -5.67 4.67 -11.68
C LEU A 43 -6.30 5.71 -12.59
N ASN A 44 -7.19 6.52 -12.04
CA ASN A 44 -7.84 7.58 -12.81
C ASN A 44 -6.90 8.76 -12.99
N ILE A 45 -5.75 8.69 -12.33
CA ILE A 45 -4.74 9.74 -12.42
C ILE A 45 -3.60 9.27 -13.33
N LEU A 46 -3.08 8.08 -13.03
CA LEU A 46 -1.97 7.50 -13.79
C LEU A 46 -2.36 6.87 -15.13
N ASN A 47 -3.63 6.45 -15.26
CA ASN A 47 -4.13 5.89 -16.51
C ASN A 47 -3.43 4.66 -17.12
N PRO A 48 -3.04 3.66 -16.30
CA PRO A 48 -2.37 2.50 -16.89
C PRO A 48 -3.32 1.76 -17.84
N LYS A 49 -2.82 1.34 -19.00
CA LYS A 49 -3.65 0.67 -19.99
C LYS A 49 -3.90 -0.82 -19.75
N ILE A 50 -2.82 -1.57 -19.53
CA ILE A 50 -2.89 -3.00 -19.29
C ILE A 50 -2.67 -3.26 -17.80
N VAL A 51 -3.67 -3.80 -17.13
CA VAL A 51 -3.56 -4.03 -15.69
C VAL A 51 -3.90 -5.45 -15.24
N LEU A 52 -3.35 -5.82 -14.08
CA LEU A 52 -3.56 -7.14 -13.52
C LEU A 52 -4.04 -7.16 -12.08
N ASP A 53 -5.11 -7.92 -11.85
CA ASP A 53 -5.68 -8.13 -10.52
C ASP A 53 -5.24 -9.59 -10.31
N ALA A 54 -4.05 -9.76 -9.72
CA ALA A 54 -3.41 -11.06 -9.52
C ALA A 54 -4.09 -12.12 -8.64
N LEU A 55 -4.79 -11.69 -7.60
CA LEU A 55 -5.49 -12.63 -6.71
C LEU A 55 -6.84 -11.94 -6.52
N SER A 56 -7.72 -12.12 -7.50
CA SER A 56 -9.02 -11.46 -7.51
C SER A 56 -10.19 -12.06 -6.74
N ALA A 57 -10.11 -13.34 -6.37
CA ALA A 57 -11.21 -13.96 -5.62
C ALA A 57 -12.54 -13.87 -6.37
N THR A 58 -13.42 -12.96 -5.95
CA THR A 58 -14.71 -12.80 -6.61
C THR A 58 -14.55 -12.01 -7.91
N GLY A 59 -13.40 -11.35 -8.05
CA GLY A 59 -13.12 -10.55 -9.23
C GLY A 59 -13.52 -9.09 -9.10
N ILE A 60 -14.01 -8.70 -7.93
CA ILE A 60 -14.46 -7.32 -7.70
C ILE A 60 -13.45 -6.23 -8.07
N ARG A 61 -12.18 -6.44 -7.73
CA ARG A 61 -11.16 -5.45 -8.03
C ARG A 61 -11.00 -5.21 -9.52
N GLY A 62 -10.66 -6.26 -10.26
CA GLY A 62 -10.50 -6.14 -11.70
C GLY A 62 -11.77 -5.62 -12.36
N ILE A 63 -12.92 -6.07 -11.89
CA ILE A 63 -14.19 -5.61 -12.45
C ILE A 63 -14.32 -4.10 -12.27
N ARG A 64 -14.00 -3.61 -11.08
CA ARG A 64 -14.08 -2.17 -10.84
C ARG A 64 -13.01 -1.45 -11.67
N PHE A 65 -11.87 -2.10 -11.88
CA PHE A 65 -10.82 -1.49 -12.69
C PHE A 65 -11.42 -1.24 -14.08
N ALA A 66 -12.10 -2.25 -14.60
CA ALA A 66 -12.71 -2.18 -15.93
C ALA A 66 -13.86 -1.17 -15.99
N LEU A 67 -14.71 -1.15 -14.97
CA LEU A 67 -15.86 -0.24 -14.96
C LEU A 67 -15.57 1.20 -14.55
N GLU A 68 -14.55 1.41 -13.72
CA GLU A 68 -14.28 2.75 -13.21
C GLU A 68 -12.96 3.44 -13.53
N THR A 69 -12.12 2.85 -14.37
CA THR A 69 -10.84 3.47 -14.71
C THR A 69 -10.58 3.39 -16.22
N PRO A 70 -9.57 4.14 -16.70
CA PRO A 70 -9.20 4.16 -18.12
C PRO A 70 -8.53 2.89 -18.62
N ALA A 71 -8.37 1.90 -17.74
CA ALA A 71 -7.73 0.65 -18.13
C ALA A 71 -8.42 0.09 -19.36
N GLU A 72 -7.64 -0.38 -20.34
CA GLU A 72 -8.19 -0.93 -21.58
C GLU A 72 -8.19 -2.45 -21.60
N GLU A 73 -7.22 -3.07 -20.95
CA GLU A 73 -7.14 -4.53 -20.90
C GLU A 73 -6.96 -4.93 -19.43
N VAL A 74 -7.95 -5.65 -18.90
CA VAL A 74 -7.92 -6.05 -17.50
C VAL A 74 -7.86 -7.56 -17.31
N TRP A 75 -6.83 -8.02 -16.60
CA TRP A 75 -6.68 -9.44 -16.32
C TRP A 75 -7.08 -9.73 -14.87
N LEU A 76 -7.88 -10.77 -14.68
CA LEU A 76 -8.31 -11.18 -13.35
C LEU A 76 -7.79 -12.60 -13.19
N ASN A 77 -7.15 -12.89 -12.07
CA ASN A 77 -6.60 -14.22 -11.85
C ASN A 77 -6.77 -14.75 -10.44
N ASP A 78 -6.91 -16.07 -10.35
CA ASP A 78 -7.03 -16.74 -9.06
C ASP A 78 -6.75 -18.22 -9.26
N ILE A 79 -6.10 -18.83 -8.27
CA ILE A 79 -5.75 -20.24 -8.37
C ILE A 79 -6.95 -21.15 -8.06
N SER A 80 -7.94 -20.63 -7.35
CA SER A 80 -9.10 -21.42 -6.96
C SER A 80 -10.13 -21.58 -8.06
N GLU A 81 -10.57 -22.83 -8.27
CA GLU A 81 -11.58 -23.13 -9.29
C GLU A 81 -12.90 -22.43 -8.95
N ASP A 82 -13.25 -22.43 -7.67
CA ASP A 82 -14.47 -21.78 -7.21
C ASP A 82 -14.42 -20.29 -7.50
N ALA A 83 -13.27 -19.68 -7.25
CA ALA A 83 -13.10 -18.26 -7.50
C ALA A 83 -13.19 -17.99 -8.99
N TYR A 84 -12.51 -18.80 -9.79
CA TYR A 84 -12.52 -18.66 -11.24
C TYR A 84 -13.96 -18.70 -11.79
N GLU A 85 -14.74 -19.68 -11.33
CA GLU A 85 -16.12 -19.81 -11.79
C GLU A 85 -16.95 -18.57 -11.43
N LEU A 86 -16.75 -18.06 -10.22
CA LEU A 86 -17.47 -16.89 -9.77
C LEU A 86 -17.01 -15.64 -10.53
N MET A 87 -15.72 -15.58 -10.82
CA MET A 87 -15.15 -14.45 -11.55
C MET A 87 -15.81 -14.31 -12.92
N LYS A 88 -15.96 -15.43 -13.63
CA LYS A 88 -16.59 -15.42 -14.94
C LYS A 88 -18.05 -14.95 -14.84
N ARG A 89 -18.75 -15.45 -13.83
CA ARG A 89 -20.13 -15.09 -13.64
C ARG A 89 -20.29 -13.60 -13.30
N ASN A 90 -19.46 -13.09 -12.39
CA ASN A 90 -19.57 -11.69 -12.03
C ASN A 90 -19.17 -10.76 -13.17
N VAL A 91 -18.26 -11.20 -14.03
CA VAL A 91 -17.85 -10.35 -15.15
C VAL A 91 -19.02 -10.21 -16.12
N MET A 92 -19.67 -11.32 -16.43
CA MET A 92 -20.79 -11.27 -17.36
C MET A 92 -22.01 -10.59 -16.77
N LEU A 93 -21.92 -10.29 -15.48
CA LEU A 93 -23.02 -9.63 -14.79
C LEU A 93 -22.85 -8.12 -14.96
N ASN A 94 -21.65 -7.70 -15.38
CA ASN A 94 -21.35 -6.29 -15.55
C ASN A 94 -20.98 -5.90 -16.98
N PHE A 95 -20.81 -6.89 -17.85
CA PHE A 95 -20.46 -6.64 -19.24
C PHE A 95 -21.25 -7.57 -20.15
N ASP A 96 -21.53 -7.12 -21.37
CA ASP A 96 -22.24 -7.93 -22.34
C ASP A 96 -21.20 -8.49 -23.30
N GLY A 97 -21.63 -9.36 -24.21
CA GLY A 97 -20.68 -9.93 -25.15
C GLY A 97 -20.43 -11.40 -24.94
N GLU A 98 -19.52 -11.96 -25.73
CA GLU A 98 -19.21 -13.36 -25.63
C GLU A 98 -17.94 -13.63 -24.82
N LEU A 99 -18.11 -14.25 -23.66
CA LEU A 99 -16.97 -14.59 -22.81
C LEU A 99 -16.47 -15.93 -23.36
N ARG A 100 -15.49 -15.86 -24.26
CA ARG A 100 -14.94 -17.06 -24.89
C ARG A 100 -13.93 -17.78 -24.00
N GLU A 101 -14.24 -19.02 -23.66
CA GLU A 101 -13.37 -19.80 -22.78
C GLU A 101 -12.65 -20.98 -23.45
N SER A 102 -11.40 -21.18 -23.07
CA SER A 102 -10.58 -22.27 -23.58
C SER A 102 -9.45 -22.57 -22.60
N LYS A 103 -9.47 -23.77 -22.04
CA LYS A 103 -8.47 -24.24 -21.10
C LYS A 103 -8.14 -23.35 -19.90
N GLY A 104 -9.15 -23.06 -19.07
CA GLY A 104 -8.92 -22.26 -17.89
C GLY A 104 -8.69 -20.78 -18.10
N ARG A 105 -9.11 -20.28 -19.27
CA ARG A 105 -8.95 -18.87 -19.59
C ARG A 105 -10.14 -18.40 -20.42
N ALA A 106 -10.80 -17.33 -19.96
CA ALA A 106 -11.96 -16.78 -20.64
C ALA A 106 -11.65 -15.35 -21.04
N ILE A 107 -11.92 -15.00 -22.29
CA ILE A 107 -11.63 -13.66 -22.78
C ILE A 107 -12.82 -12.98 -23.43
N LEU A 108 -13.05 -11.73 -23.05
CA LEU A 108 -14.14 -10.91 -23.60
C LEU A 108 -13.50 -9.71 -24.33
N LYS A 109 -13.74 -9.60 -25.63
CA LYS A 109 -13.14 -8.49 -26.38
C LYS A 109 -14.10 -7.34 -26.70
N GLY A 110 -14.50 -6.60 -25.66
CA GLY A 110 -15.41 -5.48 -25.84
C GLY A 110 -14.67 -4.15 -25.86
N GLU A 111 -15.35 -3.07 -25.46
CA GLU A 111 -14.70 -1.76 -25.42
C GLU A 111 -13.41 -1.95 -24.64
N LYS A 112 -13.54 -2.74 -23.57
CA LYS A 112 -12.41 -3.08 -22.74
C LYS A 112 -12.24 -4.58 -22.89
N THR A 113 -10.99 -5.04 -22.88
CA THR A 113 -10.72 -6.46 -23.01
C THR A 113 -10.51 -7.04 -21.62
N ILE A 114 -11.31 -8.05 -21.28
CA ILE A 114 -11.22 -8.68 -19.98
C ILE A 114 -10.74 -10.10 -20.12
N VAL A 115 -9.70 -10.44 -19.36
CA VAL A 115 -9.13 -11.77 -19.39
C VAL A 115 -9.25 -12.39 -18.01
N ILE A 116 -10.02 -13.48 -17.91
CA ILE A 116 -10.22 -14.16 -16.64
C ILE A 116 -9.36 -15.42 -16.69
N ASN A 117 -8.42 -15.53 -15.75
CA ASN A 117 -7.49 -16.64 -15.74
C ASN A 117 -7.60 -17.50 -14.47
N HIS A 118 -7.39 -18.80 -14.63
CA HIS A 118 -7.43 -19.72 -13.50
C HIS A 118 -6.04 -20.31 -13.36
N ASP A 119 -5.27 -19.85 -12.38
CA ASP A 119 -3.91 -20.36 -12.23
C ASP A 119 -3.17 -19.69 -11.07
N ASP A 120 -1.96 -20.18 -10.81
CA ASP A 120 -1.09 -19.62 -9.78
C ASP A 120 -0.67 -18.27 -10.33
N ALA A 121 -0.76 -17.23 -9.51
CA ALA A 121 -0.39 -15.89 -9.94
C ALA A 121 1.05 -15.84 -10.43
N ASN A 122 1.94 -16.61 -9.77
CA ASN A 122 3.34 -16.63 -10.17
C ASN A 122 3.50 -17.20 -11.58
N ARG A 123 2.66 -18.18 -11.91
CA ARG A 123 2.72 -18.79 -13.23
C ARG A 123 2.22 -17.79 -14.28
N LEU A 124 1.08 -17.17 -14.02
CA LEU A 124 0.54 -16.18 -14.98
C LEU A 124 1.52 -15.03 -15.21
N MET A 125 2.06 -14.47 -14.13
CA MET A 125 2.99 -13.36 -14.25
C MET A 125 4.27 -13.75 -14.98
N ALA A 126 4.71 -14.99 -14.81
CA ALA A 126 5.91 -15.49 -15.48
C ALA A 126 5.64 -15.58 -16.98
N GLU A 127 4.40 -15.91 -17.33
CA GLU A 127 4.02 -16.01 -18.73
C GLU A 127 3.96 -14.62 -19.38
N ARG A 128 3.54 -13.63 -18.59
CA ARG A 128 3.42 -12.25 -19.08
C ARG A 128 4.60 -11.38 -18.60
N HIS A 129 5.77 -11.61 -19.20
CA HIS A 129 7.01 -10.90 -18.86
C HIS A 129 6.97 -9.45 -19.39
N ARG A 130 7.37 -8.50 -18.54
CA ARG A 130 7.37 -7.08 -18.93
C ARG A 130 6.13 -6.77 -19.75
N TYR A 131 4.95 -7.01 -19.19
CA TYR A 131 3.71 -6.80 -19.92
C TYR A 131 2.70 -5.81 -19.34
N PHE A 132 2.57 -5.79 -18.01
CA PHE A 132 1.59 -4.91 -17.37
C PHE A 132 2.06 -3.51 -16.98
N HIS A 133 1.16 -2.54 -17.18
CA HIS A 133 1.41 -1.15 -16.82
C HIS A 133 1.14 -1.03 -15.32
N PHE A 134 0.30 -1.93 -14.80
CA PHE A 134 -0.03 -1.92 -13.38
C PHE A 134 -0.44 -3.31 -12.89
N ILE A 135 0.08 -3.70 -11.74
CA ILE A 135 -0.25 -4.99 -11.13
C ILE A 135 -0.61 -4.71 -9.69
N ASP A 136 -1.74 -5.26 -9.24
CA ASP A 136 -2.17 -5.08 -7.88
C ASP A 136 -2.06 -6.45 -7.20
N LEU A 137 -1.24 -6.52 -6.17
CA LEU A 137 -1.04 -7.75 -5.41
C LEU A 137 -1.80 -7.59 -4.11
N ASP A 138 -2.89 -8.33 -3.99
CA ASP A 138 -3.71 -8.26 -2.78
C ASP A 138 -3.99 -9.68 -2.29
N PRO A 139 -3.01 -10.29 -1.60
CA PRO A 139 -3.15 -11.65 -1.08
C PRO A 139 -3.70 -11.74 0.33
N PHE A 140 -3.82 -12.98 0.80
CA PHE A 140 -4.27 -13.28 2.17
C PHE A 140 -3.00 -13.18 3.00
N GLY A 141 -2.71 -12.00 3.54
CA GLY A 141 -1.52 -11.87 4.35
C GLY A 141 -0.34 -11.24 3.65
N SER A 142 0.73 -12.01 3.49
CA SER A 142 1.95 -11.52 2.86
C SER A 142 1.97 -11.66 1.34
N PRO A 143 2.56 -10.66 0.64
CA PRO A 143 2.66 -10.67 -0.82
C PRO A 143 4.04 -11.13 -1.28
N MET A 144 4.89 -11.49 -0.32
CA MET A 144 6.26 -11.89 -0.64
C MET A 144 6.44 -13.08 -1.57
N GLU A 145 5.49 -14.00 -1.59
CA GLU A 145 5.59 -15.16 -2.49
C GLU A 145 5.43 -14.75 -3.96
N PHE A 146 4.84 -13.57 -4.17
CA PHE A 146 4.57 -13.08 -5.52
C PHE A 146 5.36 -11.86 -5.98
N LEU A 147 6.04 -11.20 -5.04
CA LEU A 147 6.77 -9.97 -5.36
C LEU A 147 7.84 -10.02 -6.43
N ASP A 148 8.73 -11.01 -6.37
CA ASP A 148 9.81 -11.06 -7.36
C ASP A 148 9.31 -11.23 -8.78
N THR A 149 8.32 -12.10 -8.96
CA THR A 149 7.76 -12.33 -10.29
C THR A 149 6.99 -11.11 -10.77
N ALA A 150 6.28 -10.44 -9.87
CA ALA A 150 5.53 -9.25 -10.28
C ALA A 150 6.51 -8.19 -10.77
N LEU A 151 7.69 -8.17 -10.15
CA LEU A 151 8.71 -7.20 -10.53
C LEU A 151 9.31 -7.50 -11.91
N ARG A 152 8.96 -8.66 -12.46
CA ARG A 152 9.40 -9.04 -13.80
C ARG A 152 8.24 -8.95 -14.79
N SER A 153 7.01 -9.08 -14.27
CA SER A 153 5.80 -9.04 -15.09
C SER A 153 5.38 -7.62 -15.47
N ALA A 154 5.61 -6.67 -14.56
CA ALA A 154 5.27 -5.28 -14.83
C ALA A 154 6.32 -4.73 -15.80
N LYS A 155 5.97 -3.68 -16.53
CA LYS A 155 6.89 -3.04 -17.46
C LYS A 155 8.01 -2.44 -16.62
N ARG A 156 9.15 -2.15 -17.25
CA ARG A 156 10.29 -1.57 -16.52
C ARG A 156 9.97 -0.17 -15.99
N ARG A 157 8.82 0.36 -16.41
CA ARG A 157 8.37 1.66 -15.93
C ARG A 157 6.94 1.49 -15.45
N GLY A 158 6.59 0.25 -15.12
CA GLY A 158 5.24 -0.04 -14.65
C GLY A 158 4.98 0.41 -13.22
N ILE A 159 3.74 0.19 -12.78
CA ILE A 159 3.33 0.56 -11.44
C ILE A 159 3.00 -0.69 -10.67
N LEU A 160 3.35 -0.70 -9.39
CA LEU A 160 3.07 -1.87 -8.57
C LEU A 160 2.27 -1.46 -7.34
N GLY A 161 1.17 -2.17 -7.11
CA GLY A 161 0.33 -1.90 -5.95
C GLY A 161 0.43 -3.14 -5.06
N VAL A 162 0.97 -2.96 -3.86
CA VAL A 162 1.16 -4.10 -2.97
C VAL A 162 0.50 -3.94 -1.61
N THR A 163 -0.22 -4.96 -1.19
CA THR A 163 -0.88 -4.96 0.11
C THR A 163 -0.32 -6.09 0.97
N ALA A 164 -0.17 -5.80 2.26
CA ALA A 164 0.28 -6.79 3.23
C ALA A 164 -0.80 -6.76 4.31
N THR A 165 -1.56 -7.85 4.41
CA THR A 165 -2.65 -7.92 5.37
C THR A 165 -2.20 -8.37 6.76
N ASP A 166 -1.18 -9.21 6.83
CA ASP A 166 -0.69 -9.65 8.12
C ASP A 166 0.28 -8.60 8.67
N GLY A 167 -0.20 -7.83 9.65
CA GLY A 167 0.62 -6.79 10.23
C GLY A 167 1.41 -7.26 11.45
N ALA A 168 1.22 -8.52 11.83
CA ALA A 168 1.92 -9.06 12.98
C ALA A 168 3.44 -9.00 12.79
N PRO A 169 3.95 -9.45 11.64
CA PRO A 169 5.40 -9.38 11.48
C PRO A 169 5.89 -7.95 11.24
N LEU A 170 5.11 -7.18 10.49
CA LEU A 170 5.49 -5.82 10.17
C LEU A 170 5.45 -4.84 11.34
N CYS A 171 4.59 -5.08 12.32
CA CYS A 171 4.52 -4.18 13.46
C CYS A 171 5.38 -4.70 14.61
N GLY A 172 6.13 -5.77 14.35
CA GLY A 172 7.02 -6.32 15.35
C GLY A 172 6.49 -7.37 16.30
N ALA A 173 5.22 -7.75 16.18
CA ALA A 173 4.66 -8.78 17.06
C ALA A 173 5.35 -10.12 16.83
N HIS A 174 5.58 -10.45 15.55
CA HIS A 174 6.24 -11.69 15.16
C HIS A 174 7.60 -11.36 14.54
N PRO A 175 8.63 -11.14 15.37
CA PRO A 175 9.99 -10.81 14.92
C PRO A 175 10.55 -11.82 13.91
N ARG A 176 10.54 -13.08 14.32
CA ARG A 176 11.04 -14.18 13.50
C ARG A 176 10.49 -14.15 12.09
N ALA A 177 9.16 -14.10 11.99
CA ALA A 177 8.49 -14.08 10.70
C ALA A 177 8.87 -12.87 9.86
N CYS A 178 9.05 -11.72 10.49
CA CYS A 178 9.39 -10.52 9.74
C CYS A 178 10.75 -10.69 9.09
N LEU A 179 11.69 -11.25 9.84
CA LEU A 179 13.03 -11.49 9.29
C LEU A 179 12.93 -12.44 8.09
N ARG A 180 12.19 -13.53 8.26
CA ARG A 180 12.03 -14.50 7.17
C ARG A 180 11.34 -13.95 5.93
N LYS A 181 10.24 -13.24 6.12
CA LYS A 181 9.47 -12.73 5.00
C LYS A 181 9.96 -11.42 4.39
N TYR A 182 10.32 -10.47 5.23
CA TYR A 182 10.74 -9.16 4.75
C TYR A 182 12.21 -8.85 4.89
N LEU A 183 12.96 -9.77 5.47
CA LEU A 183 14.39 -9.60 5.66
C LEU A 183 14.69 -8.24 6.30
N ALA A 184 13.99 -7.96 7.39
CA ALA A 184 14.19 -6.70 8.10
C ALA A 184 13.81 -6.89 9.57
N VAL A 185 14.43 -6.08 10.43
CA VAL A 185 14.19 -6.10 11.88
C VAL A 185 13.11 -5.07 12.22
N PRO A 186 11.92 -5.53 12.63
CA PRO A 186 10.81 -4.64 12.98
C PRO A 186 10.93 -3.96 14.35
N LEU A 187 10.21 -2.85 14.48
CA LEU A 187 10.18 -2.08 15.71
C LEU A 187 8.74 -2.04 16.23
N ARG A 188 8.53 -2.56 17.44
CA ARG A 188 7.21 -2.56 18.05
C ARG A 188 6.96 -1.18 18.68
N GLY A 189 5.72 -0.92 19.07
CA GLY A 189 5.42 0.36 19.68
C GLY A 189 4.62 1.34 18.84
N GLU A 190 4.55 2.58 19.32
CA GLU A 190 3.82 3.66 18.65
C GLU A 190 4.24 3.97 17.22
N LEU A 191 5.45 3.60 16.83
CA LEU A 191 5.90 3.89 15.47
C LEU A 191 5.79 2.73 14.50
N CYS A 192 5.33 1.58 14.98
CA CYS A 192 5.25 0.40 14.12
C CYS A 192 4.42 0.51 12.85
N HIS A 193 3.33 1.28 12.87
CA HIS A 193 2.53 1.41 11.67
C HIS A 193 3.36 2.03 10.54
N GLU A 194 4.22 2.99 10.89
CA GLU A 194 5.04 3.60 9.85
C GLU A 194 6.27 2.76 9.50
N VAL A 195 6.91 2.21 10.53
CA VAL A 195 8.10 1.38 10.30
C VAL A 195 7.71 0.20 9.43
N GLY A 196 6.57 -0.42 9.74
CA GLY A 196 6.10 -1.54 8.96
C GLY A 196 5.86 -1.13 7.51
N THR A 197 5.31 0.07 7.31
CA THR A 197 5.04 0.57 5.96
C THR A 197 6.36 0.82 5.24
N ARG A 198 7.35 1.32 5.97
CA ARG A 198 8.66 1.60 5.39
C ARG A 198 9.44 0.33 5.12
N ILE A 199 9.16 -0.71 5.90
CA ILE A 199 9.81 -2.00 5.68
C ILE A 199 9.26 -2.57 4.38
N LEU A 200 7.96 -2.43 4.16
CA LEU A 200 7.35 -2.94 2.93
C LEU A 200 7.90 -2.24 1.70
N VAL A 201 7.98 -0.91 1.74
CA VAL A 201 8.51 -0.18 0.59
C VAL A 201 9.97 -0.58 0.37
N GLY A 202 10.70 -0.71 1.47
CA GLY A 202 12.11 -1.08 1.40
C GLY A 202 12.37 -2.45 0.79
N VAL A 203 11.52 -3.44 1.07
CA VAL A 203 11.75 -4.77 0.52
C VAL A 203 11.46 -4.76 -0.98
N ILE A 204 10.53 -3.91 -1.41
CA ILE A 204 10.20 -3.80 -2.82
C ILE A 204 11.41 -3.20 -3.54
N ALA A 205 11.95 -2.12 -2.98
CA ALA A 205 13.11 -1.46 -3.57
C ALA A 205 14.28 -2.44 -3.66
N ARG A 206 14.49 -3.21 -2.59
CA ARG A 206 15.58 -4.17 -2.57
C ARG A 206 15.45 -5.29 -3.60
N TYR A 207 14.24 -5.85 -3.77
CA TYR A 207 14.04 -6.91 -4.75
C TYR A 207 14.14 -6.40 -6.18
N ALA A 208 13.77 -5.14 -6.38
CA ALA A 208 13.78 -4.54 -7.71
C ALA A 208 15.18 -4.24 -8.25
N ALA A 209 16.09 -3.91 -7.34
CA ALA A 209 17.45 -3.54 -7.72
C ALA A 209 18.17 -4.49 -8.69
N LYS A 210 18.05 -5.80 -8.48
CA LYS A 210 18.74 -6.74 -9.36
C LYS A 210 18.29 -6.69 -10.82
N TYR A 211 17.15 -6.07 -11.10
CA TYR A 211 16.66 -5.98 -12.46
C TYR A 211 17.11 -4.65 -13.07
N ASP A 212 17.97 -3.96 -12.34
CA ASP A 212 18.46 -2.65 -12.74
C ASP A 212 17.25 -1.70 -12.80
N LEU A 213 16.44 -1.76 -11.75
CA LEU A 213 15.26 -0.92 -11.63
C LEU A 213 15.27 -0.21 -10.29
N GLY A 214 14.75 1.02 -10.27
CA GLY A 214 14.65 1.76 -9.03
C GLY A 214 13.17 1.97 -8.79
N ILE A 215 12.82 2.72 -7.77
CA ILE A 215 11.42 3.01 -7.49
C ILE A 215 11.23 4.41 -6.91
N ASP A 216 10.06 4.98 -7.18
CA ASP A 216 9.66 6.27 -6.64
C ASP A 216 8.35 5.88 -5.95
N VAL A 217 8.16 6.29 -4.71
CA VAL A 217 6.92 5.95 -4.04
C VAL A 217 5.81 6.90 -4.47
N ILE A 218 4.71 6.34 -4.95
CA ILE A 218 3.56 7.14 -5.36
C ILE A 218 2.73 7.40 -4.11
N LEU A 219 2.46 6.34 -3.38
CA LEU A 219 1.67 6.41 -2.16
C LEU A 219 1.77 5.12 -1.36
N ALA A 220 2.10 5.26 -0.08
CA ALA A 220 2.21 4.11 0.80
C ALA A 220 1.59 4.54 2.11
N TYR A 221 0.65 3.76 2.61
CA TYR A 221 -0.01 4.12 3.85
C TYR A 221 -0.38 2.89 4.67
N TYR A 222 -0.91 3.14 5.85
CA TYR A 222 -1.35 2.10 6.75
C TYR A 222 -2.82 2.36 7.06
N LYS A 223 -3.60 1.30 7.24
CA LYS A 223 -5.02 1.45 7.53
C LYS A 223 -5.66 0.17 8.01
N ASP A 224 -6.33 0.25 9.14
CA ASP A 224 -7.05 -0.88 9.71
C ASP A 224 -6.26 -2.18 9.67
N HIS A 225 -5.02 -2.13 10.14
CA HIS A 225 -4.17 -3.30 10.20
C HIS A 225 -3.72 -3.94 8.90
N TYR A 226 -3.58 -3.13 7.86
CA TYR A 226 -3.07 -3.62 6.60
C TYR A 226 -2.16 -2.53 6.04
N PHE A 227 -1.15 -2.94 5.29
CA PHE A 227 -0.20 -2.01 4.72
C PHE A 227 -0.34 -2.00 3.21
N ARG A 228 -0.27 -0.80 2.64
CA ARG A 228 -0.42 -0.61 1.21
C ARG A 228 0.72 0.24 0.66
N ALA A 229 1.21 -0.11 -0.51
CA ALA A 229 2.29 0.63 -1.13
C ALA A 229 2.15 0.64 -2.65
N PHE A 230 2.14 1.83 -3.23
CA PHE A 230 2.05 1.98 -4.69
C PHE A 230 3.39 2.59 -5.12
N VAL A 231 4.10 1.90 -6.00
CA VAL A 231 5.39 2.40 -6.46
C VAL A 231 5.47 2.45 -7.98
N LYS A 232 6.29 3.38 -8.46
CA LYS A 232 6.53 3.57 -9.89
C LYS A 232 7.93 3.03 -10.16
N LEU A 233 8.04 2.06 -11.05
CA LEU A 233 9.33 1.48 -11.36
C LEU A 233 10.16 2.42 -12.24
N LYS A 234 11.44 2.55 -11.92
CA LYS A 234 12.36 3.41 -12.66
C LYS A 234 13.36 2.54 -13.42
N ASP A 235 13.51 2.80 -14.72
CA ASP A 235 14.38 2.01 -15.57
C ASP A 235 15.85 2.45 -15.64
N GLY A 236 16.74 1.67 -15.03
CA GLY A 236 18.15 1.99 -15.07
C GLY A 236 18.96 1.58 -13.85
N ALA A 237 20.16 1.06 -14.10
CA ALA A 237 21.07 0.63 -13.04
C ALA A 237 21.31 1.77 -12.05
N ARG A 238 21.65 2.94 -12.58
CA ARG A 238 21.91 4.11 -11.74
C ARG A 238 20.69 4.43 -10.89
N LYS A 239 19.50 4.28 -11.49
CA LYS A 239 18.26 4.54 -10.78
C LYS A 239 18.10 3.53 -9.64
N GLY A 240 18.61 2.32 -9.88
CA GLY A 240 18.55 1.29 -8.88
C GLY A 240 19.53 1.68 -7.77
N ASP A 241 20.70 2.18 -8.16
CA ASP A 241 21.71 2.60 -7.18
C ASP A 241 21.15 3.70 -6.28
N GLU A 242 20.57 4.72 -6.91
CA GLU A 242 19.99 5.85 -6.17
C GLU A 242 18.85 5.42 -5.27
N THR A 243 18.13 4.38 -5.66
CA THR A 243 17.01 3.88 -4.88
C THR A 243 17.53 3.21 -3.61
N LEU A 244 18.56 2.38 -3.76
CA LEU A 244 19.15 1.71 -2.61
C LEU A 244 19.74 2.72 -1.63
N GLU A 245 20.23 3.84 -2.17
CA GLU A 245 20.82 4.88 -1.32
C GLU A 245 19.78 5.57 -0.43
N LYS A 246 18.51 5.30 -0.68
CA LYS A 246 17.45 5.92 0.11
C LYS A 246 17.00 4.98 1.23
N LEU A 247 17.67 3.84 1.35
CA LEU A 247 17.37 2.88 2.39
C LEU A 247 18.10 3.32 3.65
N GLY A 248 17.69 2.81 4.80
CA GLY A 248 18.35 3.19 6.02
C GLY A 248 17.87 2.40 7.21
N TYR A 249 18.27 2.86 8.39
CA TYR A 249 17.90 2.20 9.63
C TYR A 249 17.39 3.18 10.67
N ILE A 250 16.70 2.64 11.65
CA ILE A 250 16.14 3.43 12.73
C ILE A 250 16.64 2.92 14.08
N TYR A 251 16.96 3.86 14.97
CA TYR A 251 17.41 3.56 16.31
C TYR A 251 16.31 4.16 17.19
N PHE A 252 15.90 3.44 18.23
CA PHE A 252 14.82 3.92 19.09
C PHE A 252 15.18 3.73 20.56
N ASP A 253 15.00 4.80 21.35
CA ASP A 253 15.31 4.71 22.77
C ASP A 253 14.01 4.44 23.51
N ASP A 254 13.89 3.24 24.09
CA ASP A 254 12.68 2.85 24.81
C ASP A 254 12.36 3.70 26.03
N LYS A 255 13.37 4.35 26.60
CA LYS A 255 13.16 5.18 27.79
C LYS A 255 12.68 6.60 27.49
N THR A 256 12.85 7.05 26.26
CA THR A 256 12.48 8.42 25.89
C THR A 256 11.56 8.55 24.68
N GLY A 257 11.59 7.57 23.79
CA GLY A 257 10.75 7.64 22.60
C GLY A 257 11.45 8.40 21.50
N LYS A 258 12.72 8.74 21.72
CA LYS A 258 13.48 9.46 20.71
C LYS A 258 14.04 8.50 19.66
N PHE A 259 13.97 8.90 18.39
CA PHE A 259 14.48 8.07 17.31
C PHE A 259 15.64 8.74 16.60
N GLU A 260 16.47 7.93 15.96
CA GLU A 260 17.62 8.44 15.21
C GLU A 260 17.55 7.75 13.85
N LEU A 261 18.00 8.45 12.80
CA LEU A 261 17.98 7.87 11.48
C LEU A 261 19.39 7.67 10.96
N GLU A 262 19.61 6.59 10.23
CA GLU A 262 20.92 6.32 9.65
C GLU A 262 20.71 5.89 8.21
N GLN A 263 21.16 6.74 7.29
CA GLN A 263 21.01 6.46 5.87
C GLN A 263 22.19 5.60 5.44
N GLY A 264 21.90 4.47 4.79
CA GLY A 264 22.97 3.59 4.36
C GLY A 264 22.47 2.18 4.18
N PHE A 265 23.16 1.41 3.34
CA PHE A 265 22.75 0.04 3.09
C PHE A 265 22.85 -0.84 4.33
N LEU A 266 23.81 -0.55 5.20
CA LEU A 266 23.99 -1.31 6.44
C LEU A 266 24.09 -0.34 7.60
N PRO A 267 23.63 -0.74 8.79
CA PRO A 267 23.69 0.14 9.96
C PRO A 267 25.11 0.06 10.55
N THR A 268 25.49 1.03 11.37
CA THR A 268 26.83 1.03 11.94
C THR A 268 26.84 1.07 13.48
N ARG A 269 25.68 0.88 14.07
CA ARG A 269 25.56 0.91 15.53
C ARG A 269 24.63 -0.21 15.98
N PRO A 270 24.74 -0.63 17.24
CA PRO A 270 23.88 -1.71 17.72
C PRO A 270 22.41 -1.34 17.85
N ASN A 271 21.55 -2.38 17.85
CA ASN A 271 20.12 -2.22 18.00
C ASN A 271 19.42 -1.45 16.89
N ALA A 272 19.91 -1.59 15.66
CA ALA A 272 19.29 -0.91 14.53
C ALA A 272 18.04 -1.64 14.06
N TYR A 273 17.07 -0.88 13.58
CA TYR A 273 15.82 -1.45 13.06
C TYR A 273 15.78 -1.20 11.56
N GLY A 274 15.35 -2.20 10.81
CA GLY A 274 15.28 -2.07 9.37
C GLY A 274 15.93 -3.27 8.68
N PRO A 275 16.40 -3.09 7.43
CA PRO A 275 16.32 -1.82 6.71
C PRO A 275 14.91 -1.32 6.38
N VAL A 276 14.80 0.00 6.29
CA VAL A 276 13.53 0.63 5.94
C VAL A 276 13.79 1.66 4.86
N TRP A 277 12.72 2.06 4.18
CA TRP A 277 12.80 3.09 3.15
C TRP A 277 12.82 4.40 3.94
N LEU A 278 13.79 5.27 3.68
CA LEU A 278 13.86 6.55 4.38
C LEU A 278 13.47 7.69 3.45
N GLY A 279 13.00 7.33 2.26
CA GLY A 279 12.60 8.34 1.31
C GLY A 279 11.16 8.73 1.54
N PRO A 280 10.57 9.49 0.62
CA PRO A 280 9.17 9.91 0.79
C PRO A 280 8.18 8.75 0.73
N LEU A 281 7.06 8.90 1.43
CA LEU A 281 6.03 7.88 1.42
C LEU A 281 4.86 8.29 0.53
N LYS A 282 5.03 9.41 -0.18
CA LYS A 282 4.00 9.88 -1.09
C LYS A 282 4.57 10.84 -2.12
N ASP A 283 3.89 10.90 -3.26
CA ASP A 283 4.25 11.81 -4.32
C ASP A 283 3.23 12.92 -4.05
N GLU A 284 3.69 14.01 -3.45
CA GLU A 284 2.83 15.13 -3.09
C GLU A 284 1.82 15.57 -4.16
N LYS A 285 2.31 15.76 -5.39
CA LYS A 285 1.45 16.21 -6.49
C LYS A 285 0.34 15.21 -6.80
N ILE A 286 0.71 13.93 -6.94
CA ILE A 286 -0.27 12.90 -7.26
C ILE A 286 -1.33 12.76 -6.17
N VAL A 287 -0.91 12.73 -4.91
CA VAL A 287 -1.87 12.61 -3.81
C VAL A 287 -2.80 13.82 -3.77
N SER A 288 -2.28 14.99 -4.15
CA SER A 288 -3.10 16.19 -4.16
C SER A 288 -4.21 15.99 -5.19
N LYS A 289 -3.84 15.49 -6.36
CA LYS A 289 -4.81 15.23 -7.43
C LYS A 289 -5.81 14.16 -7.02
N MET A 290 -5.34 13.19 -6.24
CA MET A 290 -6.19 12.10 -5.79
C MET A 290 -7.36 12.61 -4.94
N VAL A 291 -7.10 13.55 -4.04
CA VAL A 291 -8.17 14.08 -3.21
C VAL A 291 -9.26 14.69 -4.09
N LYS A 292 -8.84 15.44 -5.10
CA LYS A 292 -9.77 16.09 -6.02
C LYS A 292 -10.53 15.05 -6.85
N GLU A 293 -9.80 14.06 -7.34
CA GLU A 293 -10.42 13.00 -8.15
C GLU A 293 -11.45 12.22 -7.35
N ALA A 294 -11.11 11.86 -6.12
CA ALA A 294 -12.03 11.10 -5.28
C ALA A 294 -13.33 11.86 -5.09
N GLU A 295 -13.26 13.18 -5.17
CA GLU A 295 -14.43 14.03 -5.00
C GLU A 295 -15.34 14.06 -6.23
N SER A 296 -14.76 13.94 -7.42
CA SER A 296 -15.55 13.95 -8.64
C SER A 296 -15.85 12.55 -9.13
N LEU A 297 -15.65 11.56 -8.27
CA LEU A 297 -15.91 10.17 -8.64
C LEU A 297 -16.96 9.53 -7.76
N SER A 298 -17.62 8.51 -8.31
CA SER A 298 -18.64 7.77 -7.59
C SER A 298 -17.92 6.58 -6.98
N LEU A 299 -17.57 6.70 -5.71
CA LEU A 299 -16.86 5.64 -5.00
C LEU A 299 -17.78 4.82 -4.12
N ALA A 300 -17.26 3.71 -3.59
CA ALA A 300 -18.04 2.84 -2.72
C ALA A 300 -18.16 3.44 -1.33
N ARG A 301 -17.07 4.04 -0.85
CA ARG A 301 -17.04 4.67 0.46
C ARG A 301 -16.38 6.03 0.30
N LYS A 302 -17.01 6.88 -0.49
CA LYS A 302 -16.50 8.22 -0.78
C LYS A 302 -16.06 9.01 0.46
N LYS A 303 -16.91 9.08 1.48
CA LYS A 303 -16.58 9.82 2.70
C LYS A 303 -15.29 9.32 3.35
N GLN A 304 -15.21 8.01 3.58
CA GLN A 304 -14.02 7.44 4.19
C GLN A 304 -12.79 7.62 3.32
N ALA A 305 -12.97 7.48 2.01
CA ALA A 305 -11.88 7.64 1.06
C ALA A 305 -11.30 9.05 1.16
N LEU A 306 -12.18 10.05 1.15
CA LEU A 306 -11.76 11.45 1.22
C LEU A 306 -11.10 11.78 2.56
N LYS A 307 -11.63 11.25 3.66
CA LYS A 307 -11.08 11.52 4.98
C LYS A 307 -9.64 11.00 5.08
N LEU A 308 -9.39 9.82 4.53
CA LEU A 308 -8.06 9.23 4.57
C LEU A 308 -7.12 9.98 3.62
N LEU A 309 -7.59 10.23 2.40
CA LEU A 309 -6.79 10.94 1.41
C LEU A 309 -6.46 12.37 1.84
N LYS A 310 -7.42 13.05 2.45
CA LYS A 310 -7.16 14.43 2.88
C LYS A 310 -6.13 14.45 4.00
N MET A 311 -6.21 13.48 4.89
CA MET A 311 -5.27 13.37 6.00
C MET A 311 -3.86 13.20 5.45
N ILE A 312 -3.68 12.24 4.55
CA ILE A 312 -2.40 11.95 3.95
C ILE A 312 -1.89 13.11 3.08
N ASP A 313 -2.82 13.81 2.44
CA ASP A 313 -2.48 14.94 1.59
C ASP A 313 -1.88 16.09 2.41
N GLN A 314 -2.44 16.33 3.59
CA GLN A 314 -1.96 17.41 4.45
C GLN A 314 -0.84 16.95 5.37
N GLU A 315 -0.64 15.65 5.44
CA GLU A 315 0.38 15.06 6.30
C GLU A 315 1.79 15.43 5.84
N LEU A 316 2.62 15.87 6.79
CA LEU A 316 4.00 16.23 6.49
C LEU A 316 4.71 14.93 6.11
N ASP A 317 5.42 14.92 5.00
CA ASP A 317 6.13 13.71 4.59
C ASP A 317 7.57 13.81 5.08
N ILE A 318 7.81 13.21 6.23
CA ILE A 318 9.11 13.20 6.88
C ILE A 318 9.19 11.88 7.63
N PRO A 319 10.41 11.31 7.76
CA PRO A 319 10.50 10.04 8.47
C PRO A 319 10.07 10.03 9.94
N LEU A 320 9.12 9.16 10.25
CA LEU A 320 8.62 8.98 11.60
C LEU A 320 7.86 10.14 12.24
N PHE A 321 7.62 10.03 13.55
CA PHE A 321 6.87 11.05 14.27
C PHE A 321 6.98 10.82 15.77
N TYR A 322 6.35 11.72 16.53
CA TYR A 322 6.37 11.63 17.97
C TYR A 322 4.94 11.41 18.47
N ASP A 323 4.78 10.37 19.27
CA ASP A 323 3.47 10.05 19.83
C ASP A 323 3.40 10.65 21.23
N THR A 324 2.57 11.67 21.37
CA THR A 324 2.41 12.38 22.64
C THR A 324 2.09 11.47 23.81
N HIS A 325 1.13 10.58 23.62
CA HIS A 325 0.72 9.65 24.68
C HIS A 325 1.85 8.69 25.06
N ALA A 326 2.44 8.04 24.05
CA ALA A 326 3.50 7.08 24.29
C ALA A 326 4.73 7.72 24.95
N ILE A 327 5.16 8.87 24.44
CA ILE A 327 6.31 9.54 25.00
C ILE A 327 6.01 9.96 26.43
N GLY A 328 4.77 10.36 26.68
CA GLY A 328 4.38 10.76 28.01
C GLY A 328 4.60 9.61 28.98
N ARG A 329 4.26 8.40 28.52
CA ARG A 329 4.41 7.21 29.34
C ARG A 329 5.86 6.81 29.57
N ARG A 330 6.67 6.87 28.51
CA ARG A 330 8.07 6.50 28.60
C ARG A 330 8.86 7.44 29.50
N LEU A 331 8.58 8.73 29.40
CA LEU A 331 9.29 9.72 30.20
C LEU A 331 8.65 9.92 31.59
N LYS A 332 7.42 9.42 31.74
CA LYS A 332 6.70 9.55 32.99
C LYS A 332 6.35 11.03 33.23
N ILE A 333 5.78 11.66 32.22
CA ILE A 333 5.40 13.07 32.35
C ILE A 333 3.98 13.30 31.84
N GLU A 334 3.38 14.38 32.31
CA GLU A 334 2.04 14.76 31.90
C GLU A 334 2.23 15.52 30.59
N THR A 335 1.26 15.44 29.68
CA THR A 335 1.37 16.13 28.40
C THR A 335 0.11 16.90 27.98
N LYS A 336 0.28 17.77 26.98
CA LYS A 336 -0.82 18.57 26.45
C LYS A 336 -1.55 17.79 25.37
N LYS A 337 -2.68 18.32 24.91
CA LYS A 337 -3.45 17.67 23.86
C LYS A 337 -2.76 17.85 22.51
N VAL A 338 -2.99 16.93 21.58
CA VAL A 338 -2.38 16.99 20.26
C VAL A 338 -2.64 18.32 19.52
N GLU A 339 -3.89 18.73 19.49
CA GLU A 339 -4.29 19.97 18.81
C GLU A 339 -3.49 21.16 19.36
N GLU A 340 -3.32 21.20 20.67
CA GLU A 340 -2.58 22.28 21.32
C GLU A 340 -1.10 22.24 20.96
N ILE A 341 -0.54 21.03 20.95
CA ILE A 341 0.87 20.86 20.63
C ILE A 341 1.19 21.29 19.20
N ILE A 342 0.31 20.96 18.27
CA ILE A 342 0.53 21.34 16.88
C ILE A 342 0.51 22.86 16.76
N SER A 343 -0.49 23.49 17.39
CA SER A 343 -0.61 24.93 17.36
C SER A 343 0.67 25.58 17.90
N ALA A 344 1.15 25.07 19.03
CA ALA A 344 2.36 25.59 19.66
C ALA A 344 3.58 25.43 18.77
N LEU A 345 3.74 24.25 18.17
CA LEU A 345 4.89 24.01 17.30
C LEU A 345 4.90 24.97 16.13
N ARG A 346 3.73 25.14 15.51
CA ARG A 346 3.61 26.05 14.37
C ARG A 346 3.91 27.48 14.81
N GLU A 347 3.45 27.86 15.99
CA GLU A 347 3.69 29.21 16.51
C GLU A 347 5.19 29.46 16.70
N GLN A 348 5.94 28.40 16.97
CA GLN A 348 7.38 28.52 17.17
C GLN A 348 8.13 28.49 15.84
N GLY A 349 7.38 28.33 14.74
CA GLY A 349 8.02 28.31 13.43
C GLY A 349 8.33 26.93 12.86
N TYR A 350 7.78 25.88 13.47
CA TYR A 350 8.02 24.53 12.98
C TYR A 350 6.82 23.94 12.25
N GLU A 351 7.11 23.10 11.27
CA GLU A 351 6.08 22.42 10.51
C GLU A 351 5.56 21.31 11.43
N ALA A 352 4.25 21.15 11.49
CA ALA A 352 3.66 20.11 12.33
C ALA A 352 2.27 19.76 11.85
N THR A 353 2.00 18.47 11.73
CA THR A 353 0.69 18.00 11.28
C THR A 353 0.34 16.69 11.98
N ARG A 354 -0.91 16.29 11.84
CA ARG A 354 -1.35 15.04 12.41
C ARG A 354 -0.89 14.01 11.38
N THR A 355 -1.01 12.73 11.71
CA THR A 355 -0.63 11.66 10.79
C THR A 355 -1.63 10.51 10.84
N HIS A 356 -1.89 9.91 9.68
CA HIS A 356 -2.83 8.79 9.57
C HIS A 356 -2.26 7.53 10.24
N PHE A 357 -0.97 7.54 10.54
CA PHE A 357 -0.33 6.37 11.15
C PHE A 357 -0.78 6.15 12.60
N SER A 358 -1.24 7.22 13.23
CA SER A 358 -1.67 7.14 14.62
C SER A 358 -2.43 8.40 14.99
N PRO A 359 -3.52 8.25 15.75
CA PRO A 359 -4.36 9.38 16.19
C PRO A 359 -3.64 10.33 17.13
N THR A 360 -2.68 9.81 17.90
CA THR A 360 -1.94 10.62 18.86
C THR A 360 -0.54 10.97 18.36
N GLY A 361 -0.27 10.70 17.09
CA GLY A 361 1.04 11.00 16.55
C GLY A 361 1.12 12.37 15.90
N ILE A 362 2.31 12.98 15.98
CA ILE A 362 2.52 14.29 15.37
C ILE A 362 3.79 14.28 14.53
N LYS A 363 3.64 14.64 13.26
CA LYS A 363 4.75 14.75 12.31
C LYS A 363 5.27 16.17 12.46
N THR A 364 6.57 16.32 12.65
CA THR A 364 7.13 17.66 12.79
C THR A 364 8.60 17.75 12.42
N SER A 365 9.03 18.94 12.04
CA SER A 365 10.42 19.19 11.69
C SER A 365 11.22 19.50 12.96
N ALA A 366 10.49 19.78 14.05
CA ALA A 366 11.10 20.12 15.32
C ALA A 366 11.96 19.00 15.91
N PRO A 367 13.10 19.36 16.54
CA PRO A 367 13.97 18.35 17.14
C PRO A 367 13.24 17.74 18.33
N TYR A 368 13.60 16.52 18.69
CA TYR A 368 12.99 15.83 19.80
C TYR A 368 12.90 16.67 21.08
N GLU A 369 14.00 17.33 21.45
CA GLU A 369 14.01 18.12 22.66
C GLU A 369 13.03 19.30 22.61
N VAL A 370 12.86 19.90 21.44
CA VAL A 370 11.93 21.01 21.32
C VAL A 370 10.50 20.48 21.50
N PHE A 371 10.25 19.29 20.95
CA PHE A 371 8.93 18.66 21.05
C PHE A 371 8.55 18.38 22.51
N ILE A 372 9.50 17.83 23.26
CA ILE A 372 9.27 17.49 24.66
C ILE A 372 8.98 18.73 25.51
N GLU A 373 9.73 19.79 25.25
CA GLU A 373 9.53 21.03 25.98
C GLU A 373 8.16 21.59 25.67
N THR A 374 7.71 21.36 24.44
CA THR A 374 6.41 21.87 24.00
C THR A 374 5.23 21.06 24.53
N ILE A 375 5.37 19.74 24.61
CA ILE A 375 4.28 18.91 25.10
C ILE A 375 4.09 18.91 26.60
N LYS A 376 5.16 19.20 27.35
CA LYS A 376 5.11 19.21 28.80
C LYS A 376 3.99 20.08 29.37
N ARG A 377 3.19 19.49 30.25
CA ARG A 377 2.09 20.21 30.90
C ARG A 377 2.60 21.46 31.61
N SAH B . -8.00 -9.17 -4.19
CA SAH B . -9.15 -9.12 -3.50
CB SAH B . -8.96 -10.42 -2.69
CG SAH B . -8.20 -11.65 -2.30
SD SAH B . -8.30 -12.97 -1.26
C SAH B . -10.25 -8.23 -3.41
O SAH B . -11.35 -8.90 -3.16
OXT SAH B . -10.10 -7.00 -3.56
C5' SAH B . -6.85 -13.77 -1.70
C4' SAH B . -7.20 -15.12 -2.40
O4' SAH B . -5.96 -15.42 -3.04
C3' SAH B . -8.22 -16.11 -2.92
O3' SAH B . -9.33 -15.86 -3.82
C2' SAH B . -7.36 -17.27 -3.46
O2' SAH B . -7.74 -18.47 -3.82
C1' SAH B . -5.95 -16.76 -3.51
N9 SAH B . -4.57 -17.37 -3.92
C8 SAH B . -3.82 -18.03 -3.06
N7 SAH B . -2.73 -18.43 -3.64
C5 SAH B . -2.73 -18.04 -4.88
C6 SAH B . -1.84 -18.18 -5.95
N6 SAH B . -0.69 -18.83 -5.76
N1 SAH B . -2.14 -17.62 -7.20
C2 SAH B . -3.32 -16.94 -7.42
N3 SAH B . -4.21 -16.79 -6.38
C4 SAH B . -3.95 -17.32 -5.10
C1 GOL C . 2.34 11.57 3.93
O1 GOL C . 3.38 12.49 4.26
C2 GOL C . 2.80 10.14 4.21
O2 GOL C . 3.14 10.01 5.60
C3 GOL C . 1.67 9.17 3.85
O3 GOL C . 2.07 7.83 4.10
#